data_1BIV
#
_entry.id   1BIV
#
_cell.length_a   1.000
_cell.length_b   1.000
_cell.length_c   1.000
_cell.angle_alpha   90.00
_cell.angle_beta   90.00
_cell.angle_gamma   90.00
#
_symmetry.space_group_name_H-M   'P 1'
#
loop_
_entity.id
_entity.type
_entity.pdbx_description
1 polymer 'TAR RNA'
2 polymer 'TAT PEPTIDE'
#
loop_
_entity_poly.entity_id
_entity_poly.type
_entity_poly.pdbx_seq_one_letter_code
_entity_poly.pdbx_strand_id
1 'polyribonucleotide' GGCUCGUGUAGCUCAUUAGCUCCGAGCC A
2 'polypeptide(L)' SGPRPRGTRGKGRRIRR B
#
# COMPACT_ATOMS: atom_id res chain seq x y z
N SER B 1 -6.16 4.57 2.47
CA SER B 1 -5.24 4.75 3.67
C SER B 1 -5.71 3.83 4.81
N GLY B 2 -4.83 3.35 5.76
CA GLY B 2 -5.21 2.37 6.80
C GLY B 2 -4.92 2.86 8.20
N PRO B 3 -4.16 2.13 9.08
CA PRO B 3 -3.76 2.62 10.40
C PRO B 3 -2.34 3.30 10.39
N ARG B 4 -1.50 2.98 9.34
CA ARG B 4 -0.47 3.74 8.60
C ARG B 4 -1.13 4.28 7.25
N PRO B 5 -0.43 4.67 6.14
CA PRO B 5 -1.02 4.84 4.78
C PRO B 5 -1.57 3.51 4.12
N ARG B 6 -1.52 3.42 2.75
CA ARG B 6 -1.47 2.17 1.95
C ARG B 6 -0.06 1.68 1.90
N GLY B 7 0.10 0.34 1.94
CA GLY B 7 1.30 -0.45 1.71
C GLY B 7 1.59 -0.68 0.24
N THR B 8 0.51 -0.95 -0.56
CA THR B 8 0.57 -1.50 -1.91
C THR B 8 -0.64 -1.34 -2.81
N ARG B 9 -0.47 -1.62 -4.15
CA ARG B 9 -1.59 -1.80 -5.10
C ARG B 9 -1.92 -3.26 -5.43
N GLY B 10 -1.93 -4.13 -4.40
CA GLY B 10 -2.66 -5.43 -4.31
C GLY B 10 -2.14 -6.66 -5.07
N LYS B 11 -1.14 -6.44 -5.97
CA LYS B 11 -0.30 -7.41 -6.65
C LYS B 11 1.15 -6.84 -6.51
N GLY B 12 1.67 -6.74 -5.23
CA GLY B 12 3.00 -6.26 -4.82
C GLY B 12 3.46 -4.81 -5.06
N ARG B 13 2.71 -3.96 -5.87
CA ARG B 13 2.86 -2.58 -6.35
C ARG B 13 2.85 -1.57 -5.20
N ARG B 14 3.81 -1.75 -4.22
CA ARG B 14 4.00 -1.12 -2.93
C ARG B 14 4.13 0.37 -2.99
N ILE B 15 3.40 1.04 -2.09
CA ILE B 15 3.04 2.48 -2.05
C ILE B 15 3.99 3.28 -1.08
N ARG B 16 4.13 4.62 -1.33
CA ARG B 16 5.11 5.63 -0.91
C ARG B 16 6.31 5.60 -1.88
N ARG B 17 6.03 6.11 -3.11
CA ARG B 17 6.91 6.19 -4.25
C ARG B 17 7.74 7.51 -4.27
N SER B 1 -6.69 3.59 4.62
CA SER B 1 -6.10 3.74 6.00
C SER B 1 -6.46 2.55 6.88
N GLY B 2 -5.43 1.77 7.31
CA GLY B 2 -5.56 0.40 7.85
C GLY B 2 -5.20 0.40 9.27
N PRO B 3 -4.03 -0.14 9.75
CA PRO B 3 -3.42 0.46 10.94
C PRO B 3 -2.40 1.60 10.65
N ARG B 4 -2.21 2.01 9.37
CA ARG B 4 -1.55 3.21 8.82
C ARG B 4 -2.01 3.43 7.33
N PRO B 5 -1.78 4.51 6.50
CA PRO B 5 -2.29 4.60 5.10
C PRO B 5 -1.53 3.70 4.08
N ARG B 6 -2.16 2.66 3.40
CA ARG B 6 -1.71 1.72 2.28
C ARG B 6 -0.22 1.43 2.09
N GLY B 7 0.04 0.10 1.99
CA GLY B 7 1.31 -0.57 1.76
C GLY B 7 1.60 -0.79 0.31
N THR B 8 0.54 -1.15 -0.50
CA THR B 8 0.63 -1.56 -1.90
C THR B 8 -0.59 -1.23 -2.70
N ARG B 9 -0.55 -1.38 -4.04
CA ARG B 9 -1.67 -1.27 -4.97
C ARG B 9 -2.32 -2.58 -5.39
N GLY B 10 -1.92 -3.74 -4.81
CA GLY B 10 -2.58 -5.05 -5.00
C GLY B 10 -1.77 -5.97 -5.86
N LYS B 11 -0.86 -6.74 -5.20
CA LYS B 11 0.12 -7.73 -5.70
C LYS B 11 1.47 -7.09 -6.07
N GLY B 12 2.30 -6.86 -5.01
CA GLY B 12 3.62 -6.19 -4.95
C GLY B 12 3.72 -4.69 -5.18
N ARG B 13 2.67 -4.01 -5.75
CA ARG B 13 2.54 -2.66 -6.31
C ARG B 13 2.66 -1.49 -5.28
N ARG B 14 3.73 -1.56 -4.38
CA ARG B 14 3.97 -0.83 -3.11
C ARG B 14 3.83 0.71 -3.21
N ILE B 15 3.39 1.21 -2.05
CA ILE B 15 3.00 2.59 -1.72
C ILE B 15 3.95 3.13 -0.59
N ARG B 16 4.07 4.49 -0.58
CA ARG B 16 4.91 5.51 0.05
C ARG B 16 5.95 5.99 -1.00
N ARG B 17 5.44 6.66 -2.10
CA ARG B 17 6.15 6.84 -3.36
C ARG B 17 6.98 8.17 -3.39
N SER B 1 -10.29 3.09 4.53
CA SER B 1 -9.17 4.10 4.65
C SER B 1 -7.80 3.52 5.11
N GLY B 2 -7.65 2.87 6.35
CA GLY B 2 -6.38 2.25 6.86
C GLY B 2 -5.86 2.59 8.25
N PRO B 3 -4.74 1.97 8.83
CA PRO B 3 -4.01 2.57 9.96
C PRO B 3 -3.18 3.80 9.57
N ARG B 4 -2.16 3.62 8.70
CA ARG B 4 -1.54 4.59 7.79
C ARG B 4 -2.32 4.72 6.41
N PRO B 5 -1.82 5.42 5.32
CA PRO B 5 -2.04 5.04 3.91
C PRO B 5 -1.45 3.63 3.55
N ARG B 6 -1.85 3.02 2.41
CA ARG B 6 -1.58 1.65 1.85
C ARG B 6 -0.14 1.25 1.70
N GLY B 7 0.04 -0.10 1.78
CA GLY B 7 1.24 -0.90 1.57
C GLY B 7 1.52 -1.29 0.18
N THR B 8 0.46 -1.62 -0.62
CA THR B 8 0.52 -2.08 -2.00
C THR B 8 -0.72 -1.71 -2.79
N ARG B 9 -0.74 -2.00 -4.13
CA ARG B 9 -1.87 -1.97 -5.06
C ARG B 9 -2.42 -3.35 -5.47
N GLY B 10 -2.18 -4.42 -4.64
CA GLY B 10 -2.85 -5.75 -4.58
C GLY B 10 -2.14 -6.93 -5.25
N LYS B 11 -1.73 -6.74 -6.51
CA LYS B 11 -1.11 -7.73 -7.43
C LYS B 11 0.40 -8.09 -7.12
N GLY B 12 1.01 -7.38 -6.13
CA GLY B 12 2.41 -7.29 -5.65
C GLY B 12 3.09 -5.93 -5.86
N ARG B 13 2.31 -4.96 -6.37
CA ARG B 13 2.44 -3.57 -6.76
C ARG B 13 2.49 -2.62 -5.56
N ARG B 14 3.61 -2.54 -4.81
CA ARG B 14 3.79 -1.70 -3.64
C ARG B 14 3.65 -0.18 -3.78
N ILE B 15 3.46 0.43 -2.57
CA ILE B 15 3.26 1.85 -2.21
C ILE B 15 4.44 2.30 -1.25
N ARG B 16 4.33 3.57 -0.76
CA ARG B 16 5.28 4.49 -0.12
C ARG B 16 6.60 4.70 -0.91
N ARG B 17 6.35 5.06 -2.19
CA ARG B 17 7.17 5.36 -3.35
C ARG B 17 7.84 6.74 -3.15
N SER B 1 -6.35 3.55 4.94
CA SER B 1 -6.49 4.50 6.11
C SER B 1 -6.81 3.61 7.31
N GLY B 2 -5.76 2.90 7.85
CA GLY B 2 -5.88 1.62 8.57
C GLY B 2 -5.22 1.64 9.89
N PRO B 3 -3.95 1.21 10.11
CA PRO B 3 -3.16 1.85 11.15
C PRO B 3 -2.14 2.91 10.61
N ARG B 4 -1.73 2.77 9.32
CA ARG B 4 -0.91 3.62 8.47
C ARG B 4 -1.77 4.11 7.24
N PRO B 5 -1.26 4.91 6.23
CA PRO B 5 -1.65 4.91 4.81
C PRO B 5 -1.12 3.65 4.03
N ARG B 6 -1.65 3.25 2.83
CA ARG B 6 -1.51 2.03 1.94
C ARG B 6 -0.11 1.48 1.73
N GLY B 7 0.05 0.10 1.75
CA GLY B 7 1.25 -0.69 1.49
C GLY B 7 1.47 -0.96 0.04
N THR B 8 0.36 -1.24 -0.70
CA THR B 8 0.35 -1.65 -2.08
C THR B 8 -0.94 -1.29 -2.79
N ARG B 9 -0.96 -1.44 -4.14
CA ARG B 9 -2.11 -1.24 -5.04
C ARG B 9 -3.03 -2.44 -5.31
N GLY B 10 -2.83 -3.59 -4.58
CA GLY B 10 -3.71 -4.76 -4.46
C GLY B 10 -2.88 -6.02 -4.46
N LYS B 11 -2.70 -6.64 -5.65
CA LYS B 11 -1.80 -7.73 -6.02
C LYS B 11 -0.35 -7.18 -6.11
N GLY B 12 0.33 -6.95 -4.94
CA GLY B 12 1.81 -6.83 -4.78
C GLY B 12 2.51 -5.52 -5.16
N ARG B 13 1.94 -4.76 -6.13
CA ARG B 13 2.14 -3.38 -6.60
C ARG B 13 2.19 -2.25 -5.53
N ARG B 14 3.22 -2.35 -4.60
CA ARG B 14 3.62 -1.53 -3.46
C ARG B 14 3.58 -0.01 -3.58
N ILE B 15 3.26 0.62 -2.44
CA ILE B 15 3.04 2.05 -2.12
C ILE B 15 3.95 2.47 -0.91
N ARG B 16 4.48 3.75 -1.05
CA ARG B 16 5.51 4.51 -0.33
C ARG B 16 6.95 4.10 -0.74
N ARG B 17 7.40 4.51 -1.97
CA ARG B 17 8.51 3.96 -2.76
C ARG B 17 9.88 4.72 -2.59
N SER B 1 -6.39 4.96 4.57
CA SER B 1 -5.31 4.30 5.40
C SER B 1 -5.83 3.21 6.36
N GLY B 2 -4.90 2.40 6.97
CA GLY B 2 -5.24 1.27 7.85
C GLY B 2 -4.43 1.24 9.09
N PRO B 3 -3.31 0.48 9.36
CA PRO B 3 -2.44 0.81 10.49
C PRO B 3 -1.52 2.00 10.17
N ARG B 4 -0.71 1.84 9.08
CA ARG B 4 0.01 2.81 8.28
C ARG B 4 -0.84 3.37 7.07
N PRO B 5 -0.32 4.20 6.09
CA PRO B 5 -0.83 4.29 4.71
C PRO B 5 -0.50 3.01 3.88
N ARG B 6 -1.35 2.62 2.87
CA ARG B 6 -1.31 1.51 1.86
C ARG B 6 0.05 0.91 1.54
N GLY B 7 0.11 -0.44 1.57
CA GLY B 7 1.20 -1.32 1.18
C GLY B 7 1.19 -1.62 -0.30
N THR B 8 -0.01 -1.82 -0.90
CA THR B 8 -0.31 -2.29 -2.23
C THR B 8 -1.52 -1.65 -2.93
N ARG B 9 -1.53 -1.73 -4.30
CA ARG B 9 -2.58 -1.57 -5.31
C ARG B 9 -3.39 -2.85 -5.64
N GLY B 10 -3.27 -3.92 -4.80
CA GLY B 10 -4.09 -5.11 -4.60
C GLY B 10 -3.27 -6.33 -4.91
N LYS B 11 -3.51 -6.89 -6.14
CA LYS B 11 -2.89 -8.03 -6.88
C LYS B 11 -1.31 -8.06 -6.94
N GLY B 12 -0.63 -8.04 -5.76
CA GLY B 12 0.81 -7.86 -5.49
C GLY B 12 1.49 -6.55 -5.88
N ARG B 13 0.80 -5.56 -6.53
CA ARG B 13 1.11 -4.21 -6.99
C ARG B 13 1.38 -3.23 -5.88
N ARG B 14 2.52 -3.41 -5.18
CA ARG B 14 2.88 -2.69 -3.99
C ARG B 14 3.12 -1.19 -4.22
N ILE B 15 2.97 -0.46 -3.12
CA ILE B 15 3.03 0.99 -2.88
C ILE B 15 4.05 1.22 -1.76
N ARG B 16 5.23 1.75 -2.21
CA ARG B 16 6.49 2.24 -1.65
C ARG B 16 7.58 1.49 -2.46
N ARG B 17 7.70 1.92 -3.76
CA ARG B 17 8.44 1.31 -4.84
C ARG B 17 9.91 1.85 -4.86
#